data_2NZ8
#
_entry.id   2NZ8
#
_cell.length_a   97.492
_cell.length_b   108.558
_cell.length_c   53.416
_cell.angle_alpha   90.000
_cell.angle_beta   90.000
_cell.angle_gamma   90.000
#
_symmetry.space_group_name_H-M   'P 21 21 2'
#
loop_
_entity.id
_entity.type
_entity.pdbx_description
1 polymer 'ras-related C3 botulinum toxin substrate 1 isoform Rac1'
2 polymer 'triple functional domain protein'
3 water water
#
loop_
_entity_poly.entity_id
_entity_poly.type
_entity_poly.pdbx_seq_one_letter_code
_entity_poly.pdbx_strand_id
1 'polypeptide(L)'
;MQAIKCVVVGDGAVGKTCLLISYTTNAFPGEYIPTVFDNYSANVMVDGKPVNLGLWDTAGQEDYDRLRPLSYPQTDVFLI
CFSLVSPASFENVRAKWYPEVRHHCPNTPIILVGTKLDLRDDKDTIEKLKEKKLTPITYPQGLAMAKEIGAVKYLECSAL
TQRGLKTVFDEAIRAVL
;
A
2 'polypeptide(L)'
;GAMEKRKSARRKEFIMAELIQTEKAYVRDLRECMDTYLWEMTSGVEEIPPGIVNKELIIFGNMQEIYEFHNNIFLKELEK
YEQLPEDVGHCFVTWADKFQMYVTYCKNKPDSTQLILEHAGSYFDEIQQRHGLANSISSYLIKPVQRITKYQLLLKELLT
CCEEGKGEIKDGLEVMLSVPKRANDAMHLSMLEGFDENIESQGELILQESFQVWDPKTLIRKGRERHLFLFEMSLVFSKE
VKDSSGRSKYLYKSKLFTSELGVTEHVEGDPCKFALWVGRTPTSDNKIVLKASSIENKQDWIKHIREVIQERT
;
B
#
# COMPACT_ATOMS: atom_id res chain seq x y z
N MET A 1 0.61 -25.33 -17.50
CA MET A 1 0.13 -23.93 -17.66
C MET A 1 0.80 -23.03 -16.61
N GLN A 2 1.58 -22.06 -17.06
CA GLN A 2 2.34 -21.22 -16.15
C GLN A 2 1.45 -20.19 -15.46
N ALA A 3 1.85 -19.82 -14.24
CA ALA A 3 1.17 -18.82 -13.45
C ALA A 3 1.89 -17.48 -13.57
N ILE A 4 1.11 -16.40 -13.64
CA ILE A 4 1.64 -15.06 -13.83
C ILE A 4 1.13 -14.18 -12.71
N LYS A 5 2.03 -13.50 -12.02
CA LYS A 5 1.64 -12.54 -10.99
C LYS A 5 1.83 -11.13 -11.54
N CYS A 6 0.73 -10.38 -11.55
CA CYS A 6 0.73 -9.01 -12.02
C CYS A 6 0.27 -8.07 -10.91
N VAL A 7 1.12 -7.08 -10.61
CA VAL A 7 0.83 -6.10 -9.54
C VAL A 7 0.59 -4.73 -10.17
N VAL A 8 -0.52 -4.10 -9.78
CA VAL A 8 -0.92 -2.81 -10.33
C VAL A 8 -0.51 -1.70 -9.38
N VAL A 9 0.31 -0.75 -9.84
CA VAL A 9 0.79 0.34 -9.00
C VAL A 9 0.52 1.72 -9.62
N GLY A 10 0.55 2.77 -8.81
CA GLY A 10 0.26 4.12 -9.29
C GLY A 10 -0.43 4.94 -8.21
N ASP A 11 -0.55 6.24 -8.46
CA ASP A 11 -1.19 7.16 -7.51
C ASP A 11 -2.63 6.77 -7.21
N GLY A 12 -3.15 7.22 -6.07
CA GLY A 12 -4.53 6.97 -5.68
C GLY A 12 -5.58 7.45 -6.67
N ALA A 13 -5.29 8.50 -7.42
CA ALA A 13 -6.28 9.13 -8.32
C ALA A 13 -6.49 8.38 -9.64
N VAL A 14 -5.62 7.41 -9.89
CA VAL A 14 -5.49 6.71 -11.14
C VAL A 14 -6.67 5.77 -11.46
N GLY A 15 -7.36 5.31 -10.42
CA GLY A 15 -8.45 4.34 -10.57
C GLY A 15 -7.99 2.90 -10.79
N LYS A 16 -6.94 2.49 -10.06
CA LYS A 16 -6.41 1.11 -10.12
C LYS A 16 -7.52 0.08 -9.85
N THR A 17 -8.27 0.31 -8.79
CA THR A 17 -9.30 -0.64 -8.37
C THR A 17 -10.40 -0.76 -9.42
N CYS A 18 -10.82 0.39 -9.96
CA CYS A 18 -11.83 0.44 -11.02
C CYS A 18 -11.40 -0.35 -12.25
N LEU A 19 -10.14 -0.15 -12.65
CA LEU A 19 -9.54 -0.84 -13.78
C LEU A 19 -9.67 -2.36 -13.61
N LEU A 20 -9.27 -2.84 -12.43
CA LEU A 20 -9.32 -4.27 -12.10
C LEU A 20 -10.73 -4.84 -12.04
N ILE A 21 -11.65 -4.11 -11.41
CA ILE A 21 -13.03 -4.52 -11.32
C ILE A 21 -13.64 -4.54 -12.72
N SER A 22 -13.37 -3.51 -13.51
CA SER A 22 -13.94 -3.42 -14.86
C SER A 22 -13.48 -4.57 -15.75
N TYR A 23 -12.19 -4.91 -15.65
CA TYR A 23 -11.61 -6.02 -16.39
C TYR A 23 -12.20 -7.39 -16.00
N THR A 24 -12.36 -7.63 -14.70
CA THR A 24 -12.71 -8.95 -14.19
C THR A 24 -14.20 -9.22 -14.09
N THR A 25 -15.00 -8.18 -14.35
CA THR A 25 -16.40 -8.26 -14.00
C THR A 25 -17.27 -7.91 -15.21
N ASN A 26 -18.45 -8.53 -15.27
CA ASN A 26 -19.43 -8.20 -16.30
C ASN A 26 -20.22 -6.95 -15.89
N ALA A 27 -20.66 -6.18 -16.88
CA ALA A 27 -21.49 -4.98 -16.66
C ALA A 27 -20.91 -4.00 -15.63
N PHE A 28 -19.63 -3.68 -15.77
CA PHE A 28 -18.87 -2.95 -14.75
C PHE A 28 -19.60 -1.80 -14.03
N PRO A 29 -19.87 -0.69 -14.74
CA PRO A 29 -20.31 0.47 -13.97
C PRO A 29 -21.68 0.22 -13.33
N GLY A 30 -21.66 -0.24 -12.08
CA GLY A 30 -22.88 -0.42 -11.30
C GLY A 30 -23.17 0.84 -10.50
N GLU A 31 -24.23 0.79 -9.70
CA GLU A 31 -24.64 1.90 -8.85
C GLU A 31 -23.54 2.29 -7.85
N TYR A 32 -22.72 1.30 -7.49
CA TYR A 32 -21.66 1.47 -6.49
C TYR A 32 -20.37 0.79 -6.95
N ILE A 33 -19.28 1.56 -6.99
CA ILE A 33 -17.95 1.02 -7.26
C ILE A 33 -17.26 0.66 -5.94
N PRO A 34 -16.98 -0.64 -5.73
CA PRO A 34 -16.32 -1.11 -4.51
C PRO A 34 -14.92 -0.53 -4.27
N THR A 35 -14.57 -0.39 -2.99
CA THR A 35 -13.25 0.05 -2.58
C THR A 35 -12.26 -1.10 -2.60
N VAL A 36 -12.73 -2.31 -2.32
CA VAL A 36 -11.79 -3.44 -2.27
C VAL A 36 -11.89 -4.42 -3.44
N PHE A 37 -10.71 -4.67 -4.02
CA PHE A 37 -10.53 -5.72 -5.02
C PHE A 37 -9.64 -6.75 -4.37
N ASP A 38 -10.17 -7.92 -4.06
CA ASP A 38 -9.32 -8.95 -3.45
C ASP A 38 -8.47 -9.60 -4.51
N ASN A 39 -7.32 -10.13 -4.11
CA ASN A 39 -6.41 -10.80 -5.03
C ASN A 39 -7.17 -11.76 -5.92
N TYR A 40 -6.93 -11.67 -7.22
CA TYR A 40 -7.72 -12.35 -8.24
C TYR A 40 -6.85 -13.32 -8.98
N SER A 41 -7.42 -14.47 -9.34
CA SER A 41 -6.70 -15.50 -10.09
C SER A 41 -7.67 -16.21 -11.03
N ALA A 42 -7.30 -16.29 -12.31
CA ALA A 42 -8.14 -16.94 -13.33
C ALA A 42 -7.32 -17.32 -14.55
N ASN A 43 -7.76 -18.36 -15.25
CA ASN A 43 -7.12 -18.74 -16.50
C ASN A 43 -7.59 -17.81 -17.61
N VAL A 44 -6.63 -17.21 -18.31
CA VAL A 44 -6.89 -16.32 -19.45
C VAL A 44 -6.23 -16.92 -20.70
N MET A 45 -6.82 -16.69 -21.87
CA MET A 45 -6.26 -17.16 -23.13
C MET A 45 -5.61 -15.99 -23.87
N VAL A 46 -4.32 -16.10 -24.17
CA VAL A 46 -3.61 -15.11 -25.00
C VAL A 46 -2.86 -15.81 -26.13
N ASP A 47 -3.19 -15.43 -27.37
CA ASP A 47 -2.60 -16.01 -28.57
C ASP A 47 -2.67 -17.54 -28.52
N GLY A 48 -3.85 -18.06 -28.21
CA GLY A 48 -4.09 -19.51 -28.15
C GLY A 48 -3.28 -20.26 -27.10
N LYS A 49 -2.86 -19.55 -26.05
CA LYS A 49 -2.06 -20.12 -24.98
C LYS A 49 -2.68 -19.79 -23.64
N PRO A 50 -3.09 -20.81 -22.87
CA PRO A 50 -3.69 -20.57 -21.56
C PRO A 50 -2.64 -20.14 -20.53
N VAL A 51 -3.00 -19.18 -19.67
CA VAL A 51 -2.15 -18.80 -18.54
C VAL A 51 -3.03 -18.53 -17.32
N ASN A 52 -2.50 -18.83 -16.14
CA ASN A 52 -3.15 -18.41 -14.92
C ASN A 52 -2.71 -17.00 -14.52
N LEU A 53 -3.62 -16.04 -14.69
CA LEU A 53 -3.32 -14.65 -14.40
C LEU A 53 -3.72 -14.27 -12.97
N GLY A 54 -2.72 -13.82 -12.21
CA GLY A 54 -2.93 -13.34 -10.85
C GLY A 54 -2.85 -11.82 -10.85
N LEU A 55 -3.85 -11.18 -10.25
CA LEU A 55 -3.90 -9.71 -10.18
C LEU A 55 -4.02 -9.24 -8.73
N TRP A 56 -3.11 -8.34 -8.34
CA TRP A 56 -3.10 -7.77 -7.00
C TRP A 56 -3.20 -6.27 -7.14
N ASP A 57 -4.17 -5.70 -6.43
CA ASP A 57 -4.35 -4.24 -6.30
C ASP A 57 -3.41 -3.74 -5.19
N THR A 58 -3.14 -2.44 -5.19
CA THR A 58 -2.30 -1.84 -4.15
C THR A 58 -2.97 -0.61 -3.57
N ALA A 59 -4.22 -0.34 -3.97
CA ALA A 59 -5.00 0.78 -3.46
C ALA A 59 -4.99 0.84 -1.94
N GLY A 60 -4.71 2.04 -1.42
CA GLY A 60 -4.63 2.27 0.02
C GLY A 60 -3.19 2.33 0.53
N GLN A 61 -2.24 1.81 -0.26
CA GLN A 61 -0.85 1.69 0.18
C GLN A 61 0.04 2.85 -0.28
N GLU A 62 -0.57 3.81 -0.98
CA GLU A 62 0.16 4.89 -1.66
C GLU A 62 1.04 5.74 -0.75
N ASP A 63 0.73 5.79 0.54
CA ASP A 63 1.49 6.63 1.47
C ASP A 63 2.47 5.84 2.34
N TYR A 64 2.62 4.54 2.09
CA TYR A 64 3.40 3.65 2.97
C TYR A 64 4.47 2.91 2.20
N ASP A 65 5.62 3.56 2.06
CA ASP A 65 6.67 3.11 1.13
C ASP A 65 7.41 1.81 1.52
N ARG A 66 7.28 1.38 2.77
CA ARG A 66 7.85 0.10 3.19
C ARG A 66 6.83 -1.03 3.22
N LEU A 67 5.55 -0.68 3.20
CA LEU A 67 4.48 -1.68 3.10
C LEU A 67 4.27 -2.13 1.65
N ARG A 68 4.33 -1.20 0.71
CA ARG A 68 4.16 -1.53 -0.72
C ARG A 68 5.05 -2.66 -1.25
N PRO A 69 6.38 -2.61 -0.96
CA PRO A 69 7.28 -3.64 -1.48
C PRO A 69 7.01 -5.04 -0.93
N LEU A 70 6.22 -5.15 0.14
CA LEU A 70 5.84 -6.47 0.65
C LEU A 70 5.08 -7.26 -0.42
N SER A 71 4.44 -6.55 -1.34
CA SER A 71 3.69 -7.18 -2.45
C SER A 71 4.55 -7.53 -3.66
N TYR A 72 5.79 -7.01 -3.73
CA TYR A 72 6.59 -7.08 -4.97
C TYR A 72 7.29 -8.42 -5.27
N PRO A 73 7.79 -9.14 -4.25
CA PRO A 73 8.54 -10.36 -4.57
C PRO A 73 7.76 -11.31 -5.48
N GLN A 74 8.47 -11.94 -6.41
CA GLN A 74 7.89 -12.91 -7.35
C GLN A 74 6.93 -12.32 -8.39
N THR A 75 6.89 -10.99 -8.50
CA THR A 75 6.06 -10.34 -9.51
C THR A 75 6.65 -10.58 -10.89
N ASP A 76 5.78 -10.95 -11.83
CA ASP A 76 6.19 -11.26 -13.20
C ASP A 76 6.11 -10.05 -14.12
N VAL A 77 5.20 -9.13 -13.81
CA VAL A 77 4.99 -7.93 -14.61
C VAL A 77 4.27 -6.88 -13.76
N PHE A 78 4.70 -5.62 -13.88
CA PHE A 78 4.00 -4.51 -13.23
C PHE A 78 3.19 -3.69 -14.23
N LEU A 79 2.00 -3.27 -13.81
CA LEU A 79 1.33 -2.16 -14.46
C LEU A 79 1.60 -0.92 -13.64
N ILE A 80 2.38 0.01 -14.18
CA ILE A 80 2.53 1.34 -13.59
C ILE A 80 1.51 2.24 -14.28
N CYS A 81 0.59 2.78 -13.48
CA CYS A 81 -0.56 3.49 -14.00
C CYS A 81 -0.49 4.95 -13.62
N PHE A 82 -0.95 5.79 -14.53
CA PHE A 82 -1.19 7.20 -14.25
C PHE A 82 -2.50 7.59 -14.95
N SER A 83 -3.16 8.62 -14.45
CA SER A 83 -4.36 9.15 -15.09
C SER A 83 -4.00 10.17 -16.16
N LEU A 84 -4.54 9.98 -17.36
CA LEU A 84 -4.30 10.90 -18.48
C LEU A 84 -4.81 12.32 -18.21
N VAL A 85 -5.64 12.47 -17.18
CA VAL A 85 -6.14 13.79 -16.79
C VAL A 85 -5.57 14.28 -15.46
N SER A 86 -4.49 13.64 -15.00
CA SER A 86 -3.76 14.09 -13.81
C SER A 86 -2.24 14.14 -14.05
N PRO A 87 -1.72 15.31 -14.47
CA PRO A 87 -0.29 15.55 -14.63
C PRO A 87 0.55 15.19 -13.39
N ALA A 88 0.00 15.42 -12.20
CA ALA A 88 0.61 14.99 -10.95
C ALA A 88 0.91 13.48 -10.95
N SER A 89 -0.08 12.66 -11.29
CA SER A 89 0.07 11.21 -11.29
C SER A 89 1.09 10.76 -12.35
N PHE A 90 1.14 11.50 -13.45
CA PHE A 90 2.07 11.23 -14.54
C PHE A 90 3.52 11.50 -14.13
N GLU A 91 3.74 12.64 -13.47
CA GLU A 91 5.05 13.00 -12.92
C GLU A 91 5.56 11.99 -11.88
N ASN A 92 4.64 11.42 -11.09
CA ASN A 92 5.00 10.41 -10.09
C ASN A 92 5.44 9.06 -10.67
N VAL A 93 5.13 8.82 -11.95
CA VAL A 93 5.69 7.67 -12.64
C VAL A 93 7.23 7.69 -12.63
N ARG A 94 7.81 8.81 -13.03
CA ARG A 94 9.27 8.93 -13.05
C ARG A 94 9.86 9.24 -11.67
N ALA A 95 9.11 9.96 -10.85
CA ALA A 95 9.62 10.44 -9.57
C ALA A 95 9.41 9.44 -8.43
N LYS A 96 8.42 8.58 -8.55
CA LYS A 96 8.05 7.67 -7.46
C LYS A 96 7.99 6.20 -7.85
N TRP A 97 7.14 5.86 -8.83
CA TRP A 97 6.82 4.46 -9.14
C TRP A 97 7.91 3.67 -9.85
N TYR A 98 8.43 4.22 -10.94
CA TYR A 98 9.55 3.59 -11.63
C TYR A 98 10.76 3.33 -10.72
N PRO A 99 11.28 4.37 -10.02
CA PRO A 99 12.44 4.13 -9.14
C PRO A 99 12.20 3.01 -8.15
N GLU A 100 11.03 3.03 -7.50
CA GLU A 100 10.65 2.05 -6.49
C GLU A 100 10.58 0.63 -7.05
N VAL A 101 9.89 0.47 -8.17
CA VAL A 101 9.71 -0.83 -8.80
C VAL A 101 11.07 -1.41 -9.25
N ARG A 102 11.88 -0.57 -9.88
CA ARG A 102 13.17 -0.99 -10.43
C ARG A 102 14.17 -1.34 -9.31
N HIS A 103 14.09 -0.62 -8.19
CA HIS A 103 14.90 -0.90 -7.00
C HIS A 103 14.65 -2.31 -6.45
N HIS A 104 13.37 -2.67 -6.28
CA HIS A 104 13.00 -3.97 -5.72
C HIS A 104 13.00 -5.08 -6.77
N CYS A 105 12.69 -4.72 -8.01
CA CYS A 105 12.60 -5.68 -9.10
C CYS A 105 13.38 -5.20 -10.33
N PRO A 106 14.72 -5.39 -10.31
CA PRO A 106 15.60 -4.95 -11.39
C PRO A 106 15.19 -5.39 -12.80
N ASN A 107 14.73 -6.63 -12.95
CA ASN A 107 14.51 -7.22 -14.28
C ASN A 107 13.06 -7.48 -14.67
N THR A 108 12.11 -7.00 -13.87
CA THR A 108 10.69 -7.28 -14.12
C THR A 108 10.14 -6.28 -15.13
N PRO A 109 9.52 -6.79 -16.22
CA PRO A 109 8.87 -5.91 -17.20
C PRO A 109 7.79 -4.98 -16.65
N ILE A 110 7.76 -3.78 -17.20
CA ILE A 110 6.79 -2.76 -16.84
C ILE A 110 5.94 -2.43 -18.06
N ILE A 111 4.62 -2.41 -17.86
CA ILE A 111 3.68 -1.85 -18.83
C ILE A 111 3.25 -0.51 -18.26
N LEU A 112 3.45 0.56 -19.01
CA LEU A 112 2.97 1.87 -18.59
C LEU A 112 1.54 2.09 -19.10
N VAL A 113 0.61 2.34 -18.19
CA VAL A 113 -0.81 2.44 -18.54
C VAL A 113 -1.33 3.86 -18.23
N GLY A 114 -1.87 4.53 -19.25
CA GLY A 114 -2.60 5.79 -19.05
C GLY A 114 -4.09 5.47 -18.90
N THR A 115 -4.64 5.76 -17.73
CA THR A 115 -6.03 5.47 -17.46
C THR A 115 -6.91 6.70 -17.68
N LYS A 116 -8.23 6.52 -17.52
CA LYS A 116 -9.22 7.59 -17.70
C LYS A 116 -9.16 8.28 -19.07
N LEU A 117 -8.95 7.45 -20.09
CA LEU A 117 -8.96 7.89 -21.49
C LEU A 117 -10.26 8.59 -21.89
N ASP A 118 -11.38 8.17 -21.31
CA ASP A 118 -12.69 8.76 -21.62
C ASP A 118 -12.79 10.24 -21.19
N LEU A 119 -11.97 10.66 -20.24
CA LEU A 119 -12.00 12.03 -19.72
C LEU A 119 -11.08 12.98 -20.48
N ARG A 120 -10.23 12.45 -21.35
CA ARG A 120 -9.22 13.27 -22.01
C ARG A 120 -9.85 14.37 -22.88
N ASP A 121 -11.00 14.05 -23.49
CA ASP A 121 -11.74 15.01 -24.31
C ASP A 121 -12.93 15.67 -23.58
N ASP A 122 -13.06 15.43 -22.28
CA ASP A 122 -14.15 16.02 -21.50
C ASP A 122 -13.90 17.51 -21.26
N LYS A 123 -14.80 18.33 -21.77
CA LYS A 123 -14.68 19.80 -21.69
C LYS A 123 -14.43 20.28 -20.26
N ASP A 124 -15.27 19.82 -19.33
CA ASP A 124 -15.18 20.21 -17.93
C ASP A 124 -13.85 19.81 -17.28
N THR A 125 -13.31 18.65 -17.66
CA THR A 125 -12.01 18.20 -17.16
C THR A 125 -10.88 19.08 -17.70
N ILE A 126 -10.90 19.33 -19.02
CA ILE A 126 -9.90 20.16 -19.68
C ILE A 126 -9.88 21.57 -19.07
N GLU A 127 -11.07 22.12 -18.84
CA GLU A 127 -11.22 23.45 -18.24
C GLU A 127 -10.68 23.51 -16.82
N LYS A 128 -10.92 22.46 -16.04
CA LYS A 128 -10.45 22.37 -14.65
C LYS A 128 -8.92 22.34 -14.59
N LEU A 129 -8.31 21.57 -15.48
CA LEU A 129 -6.85 21.55 -15.62
C LEU A 129 -6.30 22.90 -16.11
N LYS A 130 -6.97 23.49 -17.11
CA LYS A 130 -6.58 24.79 -17.67
C LYS A 130 -6.46 25.87 -16.59
N GLU A 131 -7.32 25.78 -15.58
CA GLU A 131 -7.33 26.72 -14.45
C GLU A 131 -6.07 26.59 -13.58
N LYS A 132 -5.41 25.45 -13.69
CA LYS A 132 -4.17 25.18 -12.95
C LYS A 132 -2.95 25.28 -13.86
N LYS A 133 -3.15 25.88 -15.04
CA LYS A 133 -2.13 25.96 -16.11
C LYS A 133 -1.63 24.57 -16.53
N LEU A 134 -2.54 23.61 -16.54
CA LEU A 134 -2.22 22.24 -16.87
C LEU A 134 -2.97 21.76 -18.11
N THR A 135 -2.51 20.63 -18.65
CA THR A 135 -3.11 20.01 -19.83
C THR A 135 -3.18 18.50 -19.61
N PRO A 136 -4.21 17.82 -20.16
CA PRO A 136 -4.21 16.36 -20.14
C PRO A 136 -2.96 15.81 -20.83
N ILE A 137 -2.54 14.62 -20.42
CA ILE A 137 -1.36 13.99 -20.99
C ILE A 137 -1.71 13.43 -22.37
N THR A 138 -0.93 13.82 -23.37
CA THR A 138 -1.16 13.40 -24.75
C THR A 138 -0.50 12.05 -24.98
N TYR A 139 -0.82 11.40 -26.08
CA TYR A 139 -0.24 10.10 -26.42
C TYR A 139 1.30 10.16 -26.58
N PRO A 140 1.83 11.14 -27.36
CA PRO A 140 3.29 11.29 -27.47
C PRO A 140 4.02 11.44 -26.13
N GLN A 141 3.46 12.23 -25.22
CA GLN A 141 4.06 12.43 -23.89
C GLN A 141 4.10 11.12 -23.11
N GLY A 142 3.02 10.34 -23.18
CA GLY A 142 2.96 9.02 -22.55
C GLY A 142 4.00 8.08 -23.14
N LEU A 143 4.06 8.04 -24.48
CA LEU A 143 5.06 7.24 -25.19
C LEU A 143 6.48 7.62 -24.78
N ALA A 144 6.74 8.92 -24.70
CA ALA A 144 8.03 9.42 -24.25
C ALA A 144 8.38 8.96 -22.83
N MET A 145 7.40 8.98 -21.92
CA MET A 145 7.61 8.51 -20.54
C MET A 145 7.95 7.03 -20.53
N ALA A 146 7.23 6.23 -21.32
CA ALA A 146 7.48 4.79 -21.41
C ALA A 146 8.91 4.47 -21.85
N LYS A 147 9.38 5.16 -22.88
CA LYS A 147 10.75 5.00 -23.35
C LYS A 147 11.76 5.48 -22.30
N GLU A 148 11.43 6.58 -21.62
CA GLU A 148 12.27 7.11 -20.54
C GLU A 148 12.47 6.09 -19.40
N ILE A 149 11.40 5.38 -19.01
CA ILE A 149 11.48 4.39 -17.93
C ILE A 149 11.76 2.96 -18.38
N GLY A 150 11.91 2.74 -19.69
CA GLY A 150 12.17 1.42 -20.24
C GLY A 150 11.01 0.44 -20.16
N ALA A 151 9.78 0.96 -20.17
CA ALA A 151 8.58 0.12 -20.18
C ALA A 151 8.56 -0.71 -21.47
N VAL A 152 8.06 -1.94 -21.38
CA VAL A 152 7.99 -2.83 -22.54
C VAL A 152 6.93 -2.32 -23.52
N LYS A 153 5.94 -1.62 -22.98
CA LYS A 153 4.79 -1.16 -23.77
C LYS A 153 4.11 0.01 -23.07
N TYR A 154 3.63 0.97 -23.86
CA TYR A 154 2.72 2.02 -23.39
C TYR A 154 1.33 1.81 -23.96
N LEU A 155 0.31 1.90 -23.12
CA LEU A 155 -1.09 1.66 -23.52
C LEU A 155 -2.02 2.65 -22.81
N GLU A 156 -3.10 3.03 -23.48
CA GLU A 156 -4.12 3.89 -22.87
C GLU A 156 -5.43 3.15 -22.75
N CYS A 157 -6.18 3.41 -21.69
CA CYS A 157 -7.46 2.73 -21.51
C CYS A 157 -8.46 3.52 -20.69
N SER A 158 -9.71 3.04 -20.75
CA SER A 158 -10.78 3.54 -19.94
C SER A 158 -11.47 2.38 -19.23
N ALA A 159 -11.40 2.40 -17.90
CA ALA A 159 -12.18 1.50 -17.05
C ALA A 159 -13.67 1.63 -17.35
N LEU A 160 -14.12 2.87 -17.57
CA LEU A 160 -15.54 3.17 -17.77
C LEU A 160 -16.09 2.51 -19.05
N THR A 161 -15.46 2.78 -20.20
CA THR A 161 -15.94 2.26 -21.48
C THR A 161 -15.34 0.89 -21.82
N GLN A 162 -14.30 0.52 -21.09
CA GLN A 162 -13.48 -0.68 -21.34
C GLN A 162 -12.63 -0.62 -22.63
N ARG A 163 -12.59 0.54 -23.27
CA ARG A 163 -11.70 0.74 -24.41
C ARG A 163 -10.24 0.53 -24.01
N GLY A 164 -9.54 -0.35 -24.74
CA GLY A 164 -8.13 -0.62 -24.47
C GLY A 164 -7.85 -1.52 -23.28
N LEU A 165 -8.89 -1.87 -22.53
CA LEU A 165 -8.72 -2.60 -21.27
C LEU A 165 -8.16 -4.01 -21.45
N LYS A 166 -8.80 -4.80 -22.31
CA LYS A 166 -8.35 -6.17 -22.61
C LYS A 166 -6.90 -6.21 -23.09
N THR A 167 -6.53 -5.25 -23.92
CA THR A 167 -5.18 -5.15 -24.51
C THR A 167 -4.10 -4.96 -23.42
N VAL A 168 -4.41 -4.11 -22.43
CA VAL A 168 -3.52 -3.90 -21.28
C VAL A 168 -3.05 -5.25 -20.71
N PHE A 169 -4.01 -6.13 -20.42
CA PHE A 169 -3.70 -7.38 -19.76
C PHE A 169 -3.16 -8.44 -20.70
N ASP A 170 -3.64 -8.46 -21.94
CA ASP A 170 -3.01 -9.27 -22.98
C ASP A 170 -1.51 -8.94 -23.10
N GLU A 171 -1.20 -7.66 -23.16
CA GLU A 171 0.19 -7.20 -23.32
C GLU A 171 1.04 -7.46 -22.08
N ALA A 172 0.43 -7.38 -20.89
CA ALA A 172 1.13 -7.74 -19.65
C ALA A 172 1.53 -9.22 -19.68
N ILE A 173 0.62 -10.08 -20.13
CA ILE A 173 0.90 -11.50 -20.30
C ILE A 173 1.99 -11.77 -21.37
N ARG A 174 1.89 -11.10 -22.51
CA ARG A 174 2.89 -11.23 -23.57
C ARG A 174 4.29 -10.77 -23.16
N ALA A 175 4.36 -9.82 -22.23
CA ALA A 175 5.63 -9.33 -21.69
C ALA A 175 6.35 -10.42 -20.89
N VAL A 176 5.60 -11.38 -20.38
CA VAL A 176 6.13 -12.48 -19.57
C VAL A 176 6.39 -13.73 -20.42
N LEU A 177 5.51 -13.98 -21.39
CA LEU A 177 5.63 -15.17 -22.24
C LEU A 177 6.71 -15.06 -23.32
N ALA B 9 -27.91 8.39 1.62
CA ALA B 9 -28.19 7.26 2.56
C ALA B 9 -28.04 5.90 1.90
N ARG B 10 -28.37 5.83 0.61
CA ARG B 10 -28.20 4.60 -0.19
C ARG B 10 -26.71 4.33 -0.36
N ARG B 11 -25.95 5.39 -0.62
CA ARG B 11 -24.50 5.32 -0.70
C ARG B 11 -23.94 4.76 0.60
N LYS B 12 -24.47 5.27 1.72
CA LYS B 12 -24.06 4.86 3.06
C LYS B 12 -24.28 3.37 3.30
N GLU B 13 -25.42 2.86 2.82
CA GLU B 13 -25.75 1.43 2.93
C GLU B 13 -24.77 0.54 2.15
N PHE B 14 -24.41 0.98 0.94
CA PHE B 14 -23.41 0.28 0.12
C PHE B 14 -22.03 0.24 0.79
N ILE B 15 -21.59 1.36 1.36
CA ILE B 15 -20.28 1.42 2.01
C ILE B 15 -20.24 0.52 3.25
N MET B 16 -21.28 0.61 4.07
CA MET B 16 -21.37 -0.22 5.26
C MET B 16 -21.44 -1.71 4.91
N ALA B 17 -22.23 -2.08 3.91
CA ALA B 17 -22.31 -3.47 3.44
C ALA B 17 -20.94 -3.95 2.99
N GLU B 18 -20.24 -3.13 2.20
CA GLU B 18 -18.90 -3.50 1.79
C GLU B 18 -17.96 -3.70 2.98
N LEU B 19 -17.98 -2.77 3.93
CA LEU B 19 -17.12 -2.90 5.13
C LEU B 19 -17.35 -4.25 5.84
N ILE B 20 -18.62 -4.55 6.12
CA ILE B 20 -19.02 -5.79 6.79
C ILE B 20 -18.71 -7.04 5.94
N GLN B 21 -19.13 -7.06 4.67
CA GLN B 21 -18.84 -8.23 3.82
C GLN B 21 -17.35 -8.50 3.60
N THR B 22 -16.56 -7.44 3.41
CA THR B 22 -15.12 -7.63 3.26
C THR B 22 -14.46 -8.05 4.58
N GLU B 23 -15.04 -7.63 5.71
CA GLU B 23 -14.57 -8.10 7.04
C GLU B 23 -14.82 -9.61 7.17
N LYS B 24 -16.01 -10.04 6.81
CA LYS B 24 -16.34 -11.47 6.79
C LYS B 24 -15.41 -12.25 5.85
N ALA B 25 -15.20 -11.74 4.65
CA ALA B 25 -14.28 -12.40 3.70
C ALA B 25 -12.84 -12.48 4.22
N TYR B 26 -12.40 -11.41 4.89
CA TYR B 26 -11.07 -11.37 5.50
C TYR B 26 -10.87 -12.43 6.59
N VAL B 27 -11.85 -12.53 7.48
CA VAL B 27 -11.84 -13.53 8.54
C VAL B 27 -11.82 -14.95 7.92
N ARG B 28 -12.66 -15.18 6.91
CA ARG B 28 -12.70 -16.44 6.16
C ARG B 28 -11.35 -16.75 5.53
N ASP B 29 -10.72 -15.74 4.93
CA ASP B 29 -9.38 -15.88 4.33
C ASP B 29 -8.31 -16.32 5.33
N LEU B 30 -8.27 -15.65 6.49
CA LEU B 30 -7.36 -16.03 7.57
C LEU B 30 -7.62 -17.44 8.07
N ARG B 31 -8.89 -17.78 8.27
CA ARG B 31 -9.28 -19.11 8.67
C ARG B 31 -8.85 -20.18 7.65
N GLU B 32 -9.08 -19.91 6.36
CA GLU B 32 -8.65 -20.81 5.29
C GLU B 32 -7.13 -21.03 5.28
N CYS B 33 -6.37 -19.95 5.35
CA CYS B 33 -4.92 -20.03 5.42
C CYS B 33 -4.43 -20.92 6.56
N MET B 34 -4.98 -20.72 7.76
CA MET B 34 -4.59 -21.50 8.93
C MET B 34 -5.04 -22.97 8.88
N ASP B 35 -6.22 -23.20 8.30
CA ASP B 35 -6.76 -24.54 8.10
C ASP B 35 -5.97 -25.39 7.11
N THR B 36 -5.28 -24.73 6.17
CA THR B 36 -4.65 -25.42 5.06
C THR B 36 -3.11 -25.35 5.15
N TYR B 37 -2.52 -24.23 4.75
CA TYR B 37 -1.05 -24.10 4.74
C TYR B 37 -0.42 -24.30 6.12
N LEU B 38 -0.96 -23.64 7.13
CA LEU B 38 -0.47 -23.78 8.50
C LEU B 38 -0.66 -25.20 9.06
N TRP B 39 -1.89 -25.72 8.97
CA TRP B 39 -2.17 -27.07 9.45
C TRP B 39 -1.27 -28.13 8.80
N GLU B 40 -0.98 -27.99 7.51
CA GLU B 40 -0.11 -28.96 6.82
C GLU B 40 1.30 -28.98 7.39
N MET B 41 1.81 -27.79 7.73
CA MET B 41 3.12 -27.65 8.38
C MET B 41 3.17 -28.28 9.76
N THR B 42 2.13 -28.07 10.56
CA THR B 42 2.14 -28.54 11.94
C THR B 42 1.66 -29.98 12.11
N SER B 43 0.74 -30.42 11.26
CA SER B 43 0.03 -31.68 11.47
C SER B 43 -0.13 -32.54 10.21
N GLY B 44 0.42 -32.09 9.09
CA GLY B 44 0.23 -32.76 7.81
C GLY B 44 1.09 -34.02 7.65
N VAL B 45 0.74 -34.84 6.66
CA VAL B 45 1.38 -36.13 6.41
C VAL B 45 2.64 -36.03 5.52
N GLU B 46 2.64 -35.06 4.61
CA GLU B 46 3.73 -34.95 3.63
C GLU B 46 4.99 -34.38 4.26
N GLU B 47 6.14 -34.78 3.70
CA GLU B 47 7.44 -34.28 4.15
C GLU B 47 7.51 -32.75 4.06
N ILE B 48 8.13 -32.17 5.08
CA ILE B 48 8.33 -30.72 5.17
C ILE B 48 9.82 -30.44 4.93
N PRO B 49 10.14 -29.43 4.10
CA PRO B 49 11.55 -29.07 3.88
C PRO B 49 12.25 -28.72 5.20
N PRO B 50 13.52 -29.15 5.36
CA PRO B 50 14.25 -28.96 6.61
C PRO B 50 14.43 -27.50 7.01
N GLY B 51 14.49 -26.62 6.01
CA GLY B 51 14.69 -25.18 6.25
C GLY B 51 13.48 -24.45 6.80
N ILE B 52 12.30 -25.05 6.71
CA ILE B 52 11.09 -24.39 7.22
C ILE B 52 10.43 -25.13 8.39
N VAL B 53 10.90 -26.35 8.66
CA VAL B 53 10.35 -27.19 9.72
C VAL B 53 10.45 -26.48 11.08
N ASN B 54 9.33 -26.49 11.81
CA ASN B 54 9.21 -25.77 13.10
C ASN B 54 9.34 -24.25 13.04
N LYS B 55 9.22 -23.67 11.84
CA LYS B 55 9.34 -22.22 11.67
C LYS B 55 8.03 -21.55 11.25
N GLU B 56 6.91 -22.17 11.61
CA GLU B 56 5.59 -21.64 11.25
C GLU B 56 5.33 -20.24 11.84
N LEU B 57 5.94 -19.95 12.98
CA LEU B 57 5.83 -18.62 13.57
C LEU B 57 6.49 -17.54 12.71
N ILE B 58 7.59 -17.87 12.05
CA ILE B 58 8.20 -16.93 11.11
C ILE B 58 7.32 -16.79 9.85
N ILE B 59 6.89 -17.90 9.28
CA ILE B 59 6.12 -17.86 8.03
C ILE B 59 4.76 -17.13 8.17
N PHE B 60 4.00 -17.47 9.20
CA PHE B 60 2.65 -16.94 9.38
C PHE B 60 2.58 -15.74 10.33
N GLY B 61 3.72 -15.40 10.94
CA GLY B 61 3.78 -14.33 11.94
C GLY B 61 2.74 -14.48 13.03
N ASN B 62 2.10 -13.38 13.40
CA ASN B 62 1.03 -13.42 14.39
C ASN B 62 -0.38 -13.48 13.77
N MET B 63 -0.51 -14.18 12.65
CA MET B 63 -1.80 -14.34 11.98
C MET B 63 -2.90 -14.84 12.94
N GLN B 64 -2.57 -15.81 13.79
CA GLN B 64 -3.55 -16.37 14.72
C GLN B 64 -4.08 -15.32 15.71
N GLU B 65 -3.19 -14.50 16.25
CA GLU B 65 -3.58 -13.36 17.10
C GLU B 65 -4.51 -12.40 16.35
N ILE B 66 -4.21 -12.18 15.07
CA ILE B 66 -5.01 -11.28 14.22
C ILE B 66 -6.41 -11.89 13.97
N TYR B 67 -6.43 -13.16 13.61
CA TYR B 67 -7.68 -13.90 13.41
C TYR B 67 -8.56 -13.88 14.66
N GLU B 68 -7.98 -14.19 15.81
CA GLU B 68 -8.71 -14.17 17.08
C GLU B 68 -9.33 -12.80 17.36
N PHE B 69 -8.57 -11.73 17.16
CA PHE B 69 -9.11 -10.38 17.33
C PHE B 69 -10.34 -10.12 16.45
N HIS B 70 -10.21 -10.31 15.14
CA HIS B 70 -11.30 -10.03 14.21
C HIS B 70 -12.49 -10.97 14.38
N ASN B 71 -12.19 -12.26 14.61
CA ASN B 71 -13.23 -13.27 14.80
C ASN B 71 -13.98 -13.18 16.15
N ASN B 72 -13.27 -12.85 17.22
CA ASN B 72 -13.88 -12.81 18.55
C ASN B 72 -14.47 -11.44 18.88
N ILE B 73 -13.81 -10.40 18.39
CA ILE B 73 -14.17 -9.02 18.77
C ILE B 73 -14.61 -8.15 17.59
N PHE B 74 -13.75 -7.94 16.60
CA PHE B 74 -13.98 -6.83 15.69
C PHE B 74 -15.15 -7.00 14.72
N LEU B 75 -15.28 -8.19 14.13
CA LEU B 75 -16.43 -8.44 13.24
C LEU B 75 -17.75 -8.27 13.97
N LYS B 76 -17.84 -8.81 15.19
CA LYS B 76 -19.04 -8.70 16.00
C LYS B 76 -19.37 -7.23 16.29
N GLU B 77 -18.34 -6.44 16.61
CA GLU B 77 -18.51 -5.01 16.87
C GLU B 77 -19.03 -4.26 15.65
N LEU B 78 -18.42 -4.50 14.49
CA LEU B 78 -18.86 -3.92 13.22
C LEU B 78 -20.32 -4.25 12.89
N GLU B 79 -20.70 -5.51 13.03
CA GLU B 79 -22.06 -5.96 12.76
C GLU B 79 -23.10 -5.29 13.68
N LYS B 80 -22.65 -4.80 14.82
CA LYS B 80 -23.50 -4.05 15.75
C LYS B 80 -23.81 -2.65 15.25
N TYR B 81 -22.88 -2.09 14.48
CA TYR B 81 -23.06 -0.77 13.86
C TYR B 81 -23.62 -0.87 12.45
N GLU B 82 -24.01 -2.08 12.06
CA GLU B 82 -24.50 -2.38 10.70
C GLU B 82 -25.49 -1.35 10.13
N GLN B 83 -26.39 -0.84 10.98
CA GLN B 83 -27.35 0.17 10.56
C GLN B 83 -27.12 1.52 11.25
N LEU B 84 -25.93 1.70 11.81
CA LEU B 84 -25.51 2.97 12.38
C LEU B 84 -24.16 3.38 11.76
N PRO B 85 -24.15 3.65 10.44
CA PRO B 85 -22.90 3.92 9.73
C PRO B 85 -22.22 5.22 10.18
N GLU B 86 -23.01 6.22 10.57
CA GLU B 86 -22.48 7.46 11.10
C GLU B 86 -21.57 7.23 12.32
N ASP B 87 -21.89 6.21 13.11
CA ASP B 87 -21.24 5.98 14.40
C ASP B 87 -20.16 4.88 14.45
N VAL B 88 -19.88 4.27 13.30
CA VAL B 88 -18.94 3.14 13.22
C VAL B 88 -17.47 3.53 13.50
N GLY B 89 -17.18 4.82 13.41
CA GLY B 89 -15.84 5.33 13.74
C GLY B 89 -15.43 4.98 15.15
N HIS B 90 -16.40 5.01 16.07
CA HIS B 90 -16.18 4.68 17.48
C HIS B 90 -15.57 3.30 17.70
N CYS B 91 -15.95 2.36 16.84
CA CYS B 91 -15.46 1.00 16.91
C CYS B 91 -13.95 0.92 16.73
N PHE B 92 -13.43 1.67 15.75
CA PHE B 92 -12.00 1.72 15.48
C PHE B 92 -11.26 2.43 16.63
N VAL B 93 -11.88 3.48 17.18
CA VAL B 93 -11.29 4.20 18.31
C VAL B 93 -11.15 3.30 19.54
N THR B 94 -12.24 2.65 19.91
CA THR B 94 -12.31 1.76 21.08
C THR B 94 -11.25 0.65 21.01
N TRP B 95 -11.08 0.07 19.82
CA TRP B 95 -10.19 -1.08 19.62
C TRP B 95 -8.86 -0.70 18.97
N ALA B 96 -8.52 0.59 19.01
CA ALA B 96 -7.26 1.10 18.45
C ALA B 96 -6.05 0.30 18.90
N ASP B 97 -6.02 -0.05 20.18
CA ASP B 97 -4.89 -0.75 20.81
C ASP B 97 -4.59 -2.10 20.16
N LYS B 98 -5.65 -2.83 19.83
CA LYS B 98 -5.54 -4.15 19.19
C LYS B 98 -4.86 -4.11 17.82
N PHE B 99 -5.08 -3.03 17.06
CA PHE B 99 -4.51 -2.91 15.72
C PHE B 99 -3.00 -2.80 15.67
N GLN B 100 -2.38 -2.50 16.84
CA GLN B 100 -0.92 -2.53 16.99
C GLN B 100 -0.30 -3.86 16.57
N MET B 101 -1.04 -4.96 16.74
CA MET B 101 -0.56 -6.28 16.29
C MET B 101 -0.21 -6.30 14.80
N TYR B 102 -0.75 -5.37 14.03
CA TYR B 102 -0.40 -5.26 12.61
C TYR B 102 1.00 -4.70 12.38
N VAL B 103 1.49 -3.88 13.31
CA VAL B 103 2.89 -3.44 13.30
C VAL B 103 3.80 -4.67 13.39
N THR B 104 3.52 -5.54 14.35
CA THR B 104 4.23 -6.82 14.49
C THR B 104 4.20 -7.65 13.20
N TYR B 105 3.01 -7.79 12.61
CA TYR B 105 2.86 -8.58 11.38
C TYR B 105 3.71 -8.04 10.23
N CYS B 106 3.62 -6.74 10.01
CA CYS B 106 4.33 -6.08 8.92
C CYS B 106 5.84 -6.15 9.08
N LYS B 107 6.32 -6.00 10.32
CA LYS B 107 7.76 -6.06 10.61
C LYS B 107 8.34 -7.45 10.31
N ASN B 108 7.55 -8.48 10.60
CA ASN B 108 7.95 -9.87 10.37
C ASN B 108 7.86 -10.29 8.91
N LYS B 109 7.04 -9.58 8.12
CA LYS B 109 6.73 -10.00 6.74
C LYS B 109 7.96 -10.31 5.87
N PRO B 110 8.95 -9.39 5.80
CA PRO B 110 10.14 -9.70 4.97
C PRO B 110 10.83 -11.02 5.35
N ASP B 111 10.85 -11.35 6.65
CA ASP B 111 11.43 -12.61 7.11
C ASP B 111 10.62 -13.83 6.66
N SER B 112 9.30 -13.73 6.74
CA SER B 112 8.41 -14.75 6.21
C SER B 112 8.70 -15.01 4.73
N THR B 113 8.71 -13.94 3.94
CA THR B 113 8.91 -14.04 2.49
C THR B 113 10.25 -14.71 2.15
N GLN B 114 11.31 -14.28 2.83
CA GLN B 114 12.64 -14.81 2.61
C GLN B 114 12.69 -16.30 2.91
N LEU B 115 12.10 -16.70 4.03
CA LEU B 115 12.07 -18.10 4.42
C LEU B 115 11.32 -18.94 3.38
N ILE B 116 10.19 -18.42 2.88
CA ILE B 116 9.46 -19.13 1.81
C ILE B 116 10.28 -19.28 0.53
N LEU B 117 10.80 -18.19 -0.01
CA LEU B 117 11.47 -18.29 -1.31
C LEU B 117 12.81 -19.04 -1.30
N GLU B 118 13.48 -19.05 -0.15
CA GLU B 118 14.80 -19.67 -0.04
C GLU B 118 14.76 -21.12 0.46
N HIS B 119 13.73 -21.49 1.22
CA HIS B 119 13.73 -22.77 1.90
C HIS B 119 12.50 -23.67 1.69
N ALA B 120 11.40 -23.10 1.24
CA ALA B 120 10.16 -23.87 1.09
C ALA B 120 10.09 -24.64 -0.21
N GLY B 121 10.79 -24.17 -1.24
CA GLY B 121 10.71 -24.78 -2.56
C GLY B 121 9.27 -24.75 -3.06
N SER B 122 8.78 -25.90 -3.51
CA SER B 122 7.41 -26.01 -4.02
C SER B 122 6.42 -26.60 -3.01
N TYR B 123 6.83 -26.67 -1.74
CA TYR B 123 6.03 -27.27 -0.67
C TYR B 123 4.61 -26.69 -0.58
N PHE B 124 4.51 -25.37 -0.58
CA PHE B 124 3.22 -24.70 -0.46
C PHE B 124 2.42 -24.71 -1.76
N ASP B 125 3.10 -24.63 -2.89
CA ASP B 125 2.46 -24.77 -4.20
C ASP B 125 1.80 -26.14 -4.39
N GLU B 126 2.43 -27.18 -3.83
CA GLU B 126 1.86 -28.53 -3.85
C GLU B 126 0.61 -28.66 -2.98
N ILE B 127 0.67 -28.09 -1.78
CA ILE B 127 -0.49 -27.99 -0.88
C ILE B 127 -1.65 -27.27 -1.58
N GLN B 128 -1.33 -26.14 -2.23
CA GLN B 128 -2.32 -25.38 -2.99
C GLN B 128 -3.03 -26.26 -4.02
N GLN B 129 -2.24 -26.97 -4.83
CA GLN B 129 -2.77 -27.90 -5.84
C GLN B 129 -3.64 -29.00 -5.24
N ARG B 130 -3.16 -29.59 -4.16
CA ARG B 130 -3.86 -30.67 -3.47
C ARG B 130 -5.20 -30.22 -2.88
N HIS B 131 -5.22 -29.02 -2.31
CA HIS B 131 -6.42 -28.49 -1.68
C HIS B 131 -7.35 -27.78 -2.69
N GLY B 132 -6.90 -27.67 -3.93
CA GLY B 132 -7.65 -26.97 -4.97
C GLY B 132 -7.87 -25.50 -4.63
N LEU B 133 -6.87 -24.89 -4.01
CA LEU B 133 -6.99 -23.53 -3.51
C LEU B 133 -6.70 -22.50 -4.58
N ALA B 134 -7.57 -21.49 -4.67
CA ALA B 134 -7.37 -20.39 -5.62
C ALA B 134 -6.19 -19.50 -5.20
N ASN B 135 -6.05 -19.29 -3.89
CA ASN B 135 -5.00 -18.42 -3.37
C ASN B 135 -3.73 -19.16 -2.96
N SER B 136 -2.60 -18.65 -3.42
CA SER B 136 -1.30 -19.17 -3.01
C SER B 136 -1.07 -18.76 -1.56
N ILE B 137 -0.06 -19.37 -0.92
CA ILE B 137 0.31 -18.93 0.41
C ILE B 137 0.67 -17.45 0.43
N SER B 138 1.41 -16.97 -0.57
CA SER B 138 1.80 -15.54 -0.58
C SER B 138 0.58 -14.62 -0.71
N SER B 139 -0.43 -15.06 -1.44
CA SER B 139 -1.69 -14.33 -1.58
C SER B 139 -2.42 -14.19 -0.25
N TYR B 140 -2.51 -15.28 0.51
CA TYR B 140 -3.08 -15.19 1.87
C TYR B 140 -2.23 -14.30 2.78
N LEU B 141 -0.91 -14.46 2.73
CA LEU B 141 -0.02 -13.78 3.69
C LEU B 141 0.04 -12.27 3.52
N ILE B 142 -0.22 -11.78 2.32
CA ILE B 142 -0.29 -10.32 2.12
C ILE B 142 -1.61 -9.71 2.61
N LYS B 143 -2.64 -10.54 2.79
CA LYS B 143 -3.99 -10.02 3.13
C LYS B 143 -4.08 -9.10 4.38
N PRO B 144 -3.39 -9.44 5.49
CA PRO B 144 -3.40 -8.48 6.59
C PRO B 144 -2.78 -7.12 6.24
N VAL B 145 -1.78 -7.10 5.36
CA VAL B 145 -1.14 -5.86 4.97
C VAL B 145 -2.11 -5.02 4.13
N GLN B 146 -2.79 -5.67 3.21
CA GLN B 146 -3.84 -5.02 2.40
C GLN B 146 -4.99 -4.54 3.27
N ARG B 147 -5.46 -5.40 4.17
CA ARG B 147 -6.59 -5.04 5.04
C ARG B 147 -6.33 -3.78 5.86
N ILE B 148 -5.19 -3.72 6.57
CA ILE B 148 -4.89 -2.59 7.47
C ILE B 148 -4.76 -1.25 6.72
N THR B 149 -4.69 -1.36 5.41
CA THR B 149 -4.49 -0.26 4.52
C THR B 149 -5.81 0.11 3.81
N LYS B 150 -6.82 -0.77 3.92
CA LYS B 150 -8.13 -0.56 3.28
C LYS B 150 -9.14 0.14 4.18
N TYR B 151 -9.02 -0.04 5.49
CA TYR B 151 -9.96 0.56 6.44
C TYR B 151 -10.07 2.06 6.25
N GLN B 152 -8.94 2.73 6.12
CA GLN B 152 -8.95 4.18 5.96
C GLN B 152 -9.69 4.63 4.68
N LEU B 153 -9.64 3.83 3.62
CA LEU B 153 -10.34 4.16 2.37
C LEU B 153 -11.85 4.06 2.54
N LEU B 154 -12.30 3.01 3.23
CA LEU B 154 -13.73 2.86 3.54
C LEU B 154 -14.25 3.97 4.46
N LEU B 155 -13.43 4.34 5.45
CA LEU B 155 -13.81 5.41 6.38
C LEU B 155 -13.84 6.78 5.71
N LYS B 156 -12.91 7.00 4.77
CA LYS B 156 -12.92 8.20 3.90
C LYS B 156 -14.21 8.32 3.08
N GLU B 157 -14.66 7.20 2.50
CA GLU B 157 -15.90 7.19 1.71
C GLU B 157 -17.13 7.53 2.54
N LEU B 158 -17.20 6.97 3.75
CA LEU B 158 -18.25 7.30 4.72
C LEU B 158 -18.22 8.77 5.11
N LEU B 159 -17.02 9.28 5.37
CA LEU B 159 -16.82 10.67 5.76
C LEU B 159 -17.42 11.62 4.72
N THR B 160 -17.31 11.27 3.44
CA THR B 160 -17.77 12.14 2.36
C THR B 160 -19.28 12.25 2.22
N CYS B 161 -20.01 11.16 2.52
CA CYS B 161 -21.47 11.20 2.47
C CYS B 161 -22.15 11.45 3.83
N CYS B 162 -21.35 11.90 4.80
CA CYS B 162 -21.87 12.43 6.07
C CYS B 162 -21.54 13.92 6.16
N GLU B 163 -22.17 14.62 7.10
CA GLU B 163 -21.96 16.06 7.25
C GLU B 163 -21.22 16.44 8.55
N GLU B 164 -20.64 17.65 8.54
CA GLU B 164 -19.81 18.14 9.64
C GLU B 164 -20.57 18.36 10.95
N GLY B 165 -20.10 17.68 11.99
CA GLY B 165 -20.70 17.80 13.33
C GLY B 165 -21.46 16.57 13.77
N LYS B 166 -21.36 15.51 12.99
CA LYS B 166 -22.00 14.23 13.28
C LYS B 166 -21.23 13.07 12.67
N GLY B 167 -20.70 12.20 13.54
CA GLY B 167 -19.92 11.06 13.10
C GLY B 167 -19.16 10.31 14.17
N GLU B 168 -17.96 10.80 14.49
CA GLU B 168 -16.89 10.01 15.14
C GLU B 168 -16.15 9.22 14.06
N ILE B 169 -16.62 9.40 12.82
CA ILE B 169 -15.98 8.83 11.64
C ILE B 169 -14.56 9.34 11.52
N LYS B 170 -14.40 10.66 11.68
CA LYS B 170 -13.08 11.31 11.60
C LYS B 170 -12.10 10.75 12.63
N ASP B 171 -12.55 10.57 13.87
CA ASP B 171 -11.74 9.96 14.92
C ASP B 171 -11.30 8.53 14.57
N GLY B 172 -12.23 7.74 14.03
CA GLY B 172 -11.92 6.39 13.56
C GLY B 172 -10.93 6.42 12.41
N LEU B 173 -11.13 7.36 11.48
CA LEU B 173 -10.23 7.53 10.34
C LEU B 173 -8.80 7.87 10.81
N GLU B 174 -8.69 8.79 11.77
CA GLU B 174 -7.38 9.19 12.33
C GLU B 174 -6.60 7.97 12.84
N VAL B 175 -7.28 7.15 13.63
CA VAL B 175 -6.71 5.90 14.15
C VAL B 175 -6.23 4.99 13.02
N MET B 176 -7.04 4.85 11.98
CA MET B 176 -6.77 3.90 10.91
C MET B 176 -5.77 4.42 9.85
N LEU B 177 -5.44 5.70 9.94
CA LEU B 177 -4.32 6.23 9.19
C LEU B 177 -3.04 6.07 10.03
N SER B 178 -3.18 6.20 11.34
CA SER B 178 -2.05 6.05 12.27
C SER B 178 -1.44 4.64 12.30
N VAL B 179 -2.28 3.60 12.25
CA VAL B 179 -1.78 2.22 12.32
C VAL B 179 -0.82 1.82 11.17
N PRO B 180 -1.26 1.96 9.90
CA PRO B 180 -0.27 1.66 8.86
C PRO B 180 0.92 2.64 8.85
N LYS B 181 0.71 3.89 9.28
CA LYS B 181 1.83 4.82 9.43
C LYS B 181 2.86 4.27 10.44
N ARG B 182 2.39 3.76 11.58
CA ARG B 182 3.29 3.24 12.62
C ARG B 182 4.02 1.96 12.14
N ALA B 183 3.31 1.11 11.41
CA ALA B 183 3.90 -0.10 10.81
C ALA B 183 4.99 0.29 9.83
N ASN B 184 4.68 1.22 8.94
CA ASN B 184 5.63 1.78 7.98
C ASN B 184 6.85 2.44 8.65
N ASP B 185 6.59 3.29 9.66
CA ASP B 185 7.66 3.94 10.42
C ASP B 185 8.62 2.91 11.05
N ALA B 186 8.05 1.82 11.57
CA ALA B 186 8.79 0.74 12.25
C ALA B 186 9.72 -0.01 11.31
N MET B 187 9.31 -0.17 10.05
CA MET B 187 10.13 -0.81 9.03
C MET B 187 11.36 0.03 8.75
N HIS B 188 11.16 1.35 8.68
CA HIS B 188 12.27 2.29 8.50
C HIS B 188 13.24 2.25 9.69
N LEU B 189 12.69 2.18 10.90
CA LEU B 189 13.50 2.17 12.13
C LEU B 189 14.44 0.97 12.19
N SER B 190 13.96 -0.18 11.73
CA SER B 190 14.74 -1.42 11.70
C SER B 190 15.94 -1.35 10.75
N MET B 191 15.92 -0.40 9.82
CA MET B 191 17.03 -0.19 8.88
C MET B 191 18.17 0.66 9.49
N LEU B 192 17.89 1.30 10.62
CA LEU B 192 18.89 2.15 11.30
C LEU B 192 20.07 1.33 11.83
N GLU B 193 21.27 1.71 11.43
CA GLU B 193 22.51 1.06 11.85
C GLU B 193 23.47 2.10 12.43
N GLY B 194 24.28 1.68 13.41
CA GLY B 194 25.25 2.58 14.04
C GLY B 194 24.70 3.33 15.25
N PHE B 195 23.40 3.21 15.50
CA PHE B 195 22.78 3.84 16.66
C PHE B 195 22.93 2.98 17.92
N SER B 201 12.82 1.93 23.65
CA SER B 201 13.85 2.90 24.01
C SER B 201 14.34 3.65 22.76
N GLN B 202 14.35 4.99 22.80
CA GLN B 202 13.92 5.76 23.98
C GLN B 202 12.77 6.74 23.64
N GLY B 203 11.55 6.31 23.92
CA GLY B 203 10.37 7.09 23.59
C GLY B 203 9.65 6.58 22.33
N GLU B 204 8.52 7.20 22.03
CA GLU B 204 7.67 6.79 20.92
C GLU B 204 8.05 7.51 19.63
N LEU B 205 8.08 6.78 18.52
CA LEU B 205 8.45 7.34 17.21
C LEU B 205 7.28 8.14 16.66
N ILE B 206 7.50 9.43 16.45
CA ILE B 206 6.44 10.35 16.03
C ILE B 206 6.46 10.57 14.52
N LEU B 207 7.64 10.84 13.99
CA LEU B 207 7.84 10.98 12.53
C LEU B 207 9.16 10.44 12.04
N GLN B 208 9.15 9.97 10.79
CA GLN B 208 10.37 9.68 10.06
C GLN B 208 10.21 10.10 8.59
N GLU B 209 11.28 10.66 8.05
CA GLU B 209 11.32 11.19 6.69
C GLU B 209 12.76 11.57 6.42
N SER B 210 13.13 11.63 5.15
CA SER B 210 14.45 12.11 4.75
C SER B 210 14.50 13.63 4.64
N PHE B 211 15.65 14.21 4.99
CA PHE B 211 15.90 15.65 4.87
C PHE B 211 17.32 15.90 4.35
N GLN B 212 17.68 17.17 4.16
CA GLN B 212 19.05 17.57 3.88
C GLN B 212 19.53 18.65 4.93
N HIS B 227 18.17 10.77 6.63
CA HIS B 227 16.87 10.28 7.08
C HIS B 227 16.71 10.57 8.57
N LEU B 228 15.63 11.25 8.91
CA LEU B 228 15.39 11.69 10.29
C LEU B 228 14.36 10.88 11.05
N PHE B 229 14.69 10.58 12.31
CA PHE B 229 13.78 9.91 13.22
C PHE B 229 13.50 10.82 14.42
N LEU B 230 12.26 11.29 14.51
CA LEU B 230 11.83 12.17 15.59
C LEU B 230 11.06 11.38 16.65
N PHE B 231 11.71 11.18 17.80
CA PHE B 231 11.10 10.51 18.95
C PHE B 231 10.58 11.56 19.94
N GLU B 232 9.98 11.09 21.03
CA GLU B 232 9.44 11.99 22.08
C GLU B 232 10.52 12.80 22.80
N MET B 233 11.70 12.23 22.94
CA MET B 233 12.80 12.88 23.67
C MET B 233 14.17 12.78 22.98
N SER B 234 14.17 12.39 21.71
CA SER B 234 15.39 12.35 20.89
C SER B 234 15.09 12.64 19.41
N LEU B 235 16.04 13.26 18.73
CA LEU B 235 15.92 13.57 17.31
C LEU B 235 17.16 12.99 16.60
N VAL B 236 16.95 11.95 15.80
CA VAL B 236 18.06 11.18 15.24
C VAL B 236 18.25 11.42 13.73
N PHE B 237 19.50 11.75 13.36
CA PHE B 237 19.92 11.96 11.98
C PHE B 237 20.61 10.72 11.42
N SER B 238 20.25 10.30 10.21
CA SER B 238 20.83 9.13 9.55
C SER B 238 21.18 9.42 8.10
N LYS B 239 22.01 8.56 7.51
CA LYS B 239 22.28 8.60 6.08
C LYS B 239 22.02 7.24 5.42
N GLU B 240 21.16 7.24 4.42
CA GLU B 240 20.86 6.02 3.66
C GLU B 240 22.08 5.55 2.84
N VAL B 241 22.54 4.35 3.16
CA VAL B 241 23.68 3.74 2.48
C VAL B 241 23.39 2.25 2.23
N LYS B 242 24.34 1.58 1.58
CA LYS B 242 24.27 0.13 1.40
C LYS B 242 25.38 -0.59 2.17
N ASP B 243 25.03 -1.74 2.75
CA ASP B 243 25.98 -2.66 3.38
C ASP B 243 27.02 -3.17 2.40
N SER B 244 28.07 -3.79 2.94
CA SER B 244 28.99 -4.59 2.14
C SER B 244 28.27 -5.83 1.60
N SER B 245 27.22 -6.25 2.30
CA SER B 245 26.34 -7.31 1.84
C SER B 245 25.31 -6.79 0.83
N GLY B 246 25.34 -5.49 0.56
CA GLY B 246 24.46 -4.85 -0.40
C GLY B 246 23.11 -4.45 0.16
N ARG B 247 22.91 -4.68 1.45
CA ARG B 247 21.65 -4.36 2.13
C ARG B 247 21.55 -2.87 2.41
N SER B 248 20.49 -2.25 1.89
CA SER B 248 20.25 -0.82 2.05
C SER B 248 19.75 -0.49 3.46
N LYS B 249 20.41 0.48 4.09
CA LYS B 249 20.10 0.88 5.46
C LYS B 249 20.44 2.34 5.77
N TYR B 250 20.14 2.76 7.00
CA TYR B 250 20.39 4.13 7.43
C TYR B 250 21.51 4.13 8.45
N LEU B 251 22.63 4.75 8.07
CA LEU B 251 23.77 4.88 8.96
C LEU B 251 23.55 6.08 9.88
N TYR B 252 23.48 5.81 11.18
CA TYR B 252 23.39 6.86 12.19
C TYR B 252 24.55 7.83 12.07
N LYS B 253 24.25 9.12 12.09
CA LYS B 253 25.28 10.16 12.01
C LYS B 253 25.33 11.01 13.28
N SER B 254 24.22 11.67 13.59
CA SER B 254 24.16 12.57 14.75
C SER B 254 22.80 12.55 15.45
N LYS B 255 22.73 13.15 16.63
CA LYS B 255 21.51 13.17 17.45
C LYS B 255 21.38 14.47 18.24
N LEU B 256 20.14 14.94 18.41
CA LEU B 256 19.86 16.12 19.22
C LEU B 256 18.73 15.87 20.22
N PHE B 257 18.82 16.48 21.40
CA PHE B 257 17.79 16.40 22.43
C PHE B 257 16.70 17.46 22.22
N THR B 258 15.70 17.44 23.09
CA THR B 258 14.56 18.37 22.99
C THR B 258 14.91 19.77 23.48
N SER B 259 15.18 20.66 22.54
CA SER B 259 15.39 22.08 22.81
C SER B 259 15.29 22.92 21.54
N GLU B 260 16.30 22.78 20.68
CA GLU B 260 16.55 23.73 19.59
C GLU B 260 15.52 23.68 18.45
N LEU B 261 14.68 24.71 18.40
CA LEU B 261 13.64 24.82 17.38
C LEU B 261 13.87 26.04 16.48
N GLY B 262 13.61 25.85 15.19
CA GLY B 262 13.76 26.93 14.20
C GLY B 262 12.62 26.94 13.20
N VAL B 263 11.81 28.00 13.24
CA VAL B 263 10.60 28.08 12.43
C VAL B 263 10.78 28.98 11.20
N THR B 264 11.09 28.36 10.06
CA THR B 264 11.17 29.04 8.77
C THR B 264 10.55 28.14 7.71
N GLU B 265 9.60 28.69 6.96
CA GLU B 265 8.88 27.91 5.95
C GLU B 265 9.30 28.27 4.52
N HIS B 266 9.68 29.53 4.32
CA HIS B 266 9.99 30.05 2.99
C HIS B 266 11.48 30.28 2.80
N VAL B 267 11.94 30.14 1.56
CA VAL B 267 13.31 30.50 1.20
C VAL B 267 13.26 31.61 0.15
N GLU B 268 13.57 31.29 -1.10
CA GLU B 268 13.55 32.26 -2.20
C GLU B 268 13.02 31.63 -3.49
N GLY B 269 11.76 31.21 -3.46
CA GLY B 269 11.14 30.51 -4.58
C GLY B 269 11.60 29.07 -4.65
N ASP B 270 11.65 28.42 -3.48
CA ASP B 270 12.14 27.06 -3.34
C ASP B 270 11.29 26.29 -2.33
N PRO B 271 11.46 24.94 -2.25
CA PRO B 271 10.83 24.14 -1.19
C PRO B 271 11.20 24.61 0.24
N CYS B 272 10.55 24.01 1.24
CA CYS B 272 10.64 24.49 2.61
C CYS B 272 11.92 24.09 3.35
N LYS B 273 12.57 25.07 3.97
CA LYS B 273 13.79 24.87 4.75
C LYS B 273 13.67 25.49 6.14
N PHE B 274 14.05 24.72 7.17
CA PHE B 274 13.93 25.16 8.56
C PHE B 274 15.11 24.75 9.43
N ALA B 275 15.16 25.28 10.66
CA ALA B 275 16.26 25.01 11.59
C ALA B 275 15.84 24.08 12.73
N THR B 283 19.04 32.43 21.72
CA THR B 283 19.99 32.81 20.68
C THR B 283 20.20 31.67 19.68
N SER B 284 20.26 32.04 18.40
CA SER B 284 20.38 31.06 17.31
C SER B 284 21.26 31.57 16.16
N ASP B 285 21.79 30.62 15.39
CA ASP B 285 22.60 30.93 14.21
C ASP B 285 22.03 30.27 12.95
N ASN B 286 22.74 30.42 11.84
CA ASN B 286 22.29 29.90 10.54
C ASN B 286 22.70 28.45 10.27
N LYS B 287 23.46 27.87 11.20
CA LYS B 287 24.08 26.55 11.04
C LYS B 287 23.10 25.40 10.80
N ILE B 288 21.91 25.49 11.36
CA ILE B 288 20.94 24.39 11.35
C ILE B 288 20.02 24.45 10.13
N VAL B 289 20.20 23.52 9.19
CA VAL B 289 19.42 23.52 7.95
C VAL B 289 18.76 22.17 7.69
N LEU B 290 17.44 22.19 7.60
CA LEU B 290 16.63 21.02 7.27
C LEU B 290 15.71 21.35 6.10
N LYS B 291 15.69 20.48 5.10
CA LYS B 291 14.89 20.71 3.89
C LYS B 291 13.89 19.59 3.62
N ALA B 292 12.60 19.92 3.68
CA ALA B 292 11.53 18.99 3.33
C ALA B 292 11.16 19.11 1.85
N SER B 293 10.51 18.08 1.32
CA SER B 293 10.14 18.03 -0.10
C SER B 293 8.93 18.92 -0.41
N SER B 294 7.80 18.63 0.24
CA SER B 294 6.55 19.35 0.00
C SER B 294 6.15 20.24 1.18
N ILE B 295 5.20 21.14 0.92
CA ILE B 295 4.71 22.10 1.91
C ILE B 295 3.98 21.41 3.07
N GLU B 296 3.19 20.38 2.74
CA GLU B 296 2.41 19.63 3.72
C GLU B 296 3.30 18.86 4.70
N ASN B 297 4.36 18.25 4.18
CA ASN B 297 5.32 17.50 5.00
C ASN B 297 6.08 18.41 5.96
N LYS B 298 6.45 19.60 5.48
CA LYS B 298 7.03 20.64 6.32
C LYS B 298 6.15 20.97 7.53
N GLN B 299 4.86 21.18 7.28
CA GLN B 299 3.88 21.50 8.33
C GLN B 299 3.82 20.48 9.45
N ASP B 300 3.91 19.20 9.08
CA ASP B 300 3.90 18.09 10.03
C ASP B 300 4.98 18.23 11.10
N TRP B 301 6.24 18.25 10.67
CA TRP B 301 7.38 18.27 11.57
C TRP B 301 7.37 19.42 12.58
N ILE B 302 7.09 20.62 12.09
CA ILE B 302 6.96 21.81 12.95
C ILE B 302 5.98 21.54 14.10
N LYS B 303 4.75 21.17 13.74
CA LYS B 303 3.69 20.85 14.71
C LYS B 303 4.10 19.75 15.71
N HIS B 304 4.73 18.71 15.19
CA HIS B 304 5.08 17.51 15.96
C HIS B 304 6.30 17.65 16.87
N ILE B 305 7.28 18.46 16.46
CA ILE B 305 8.44 18.76 17.31
C ILE B 305 7.99 19.63 18.50
N ARG B 306 7.17 20.64 18.21
CA ARG B 306 6.62 21.54 19.23
C ARG B 306 5.78 20.81 20.27
N GLU B 307 5.11 19.74 19.83
CA GLU B 307 4.31 18.88 20.70
C GLU B 307 5.16 18.30 21.83
N VAL B 308 6.36 17.82 21.50
CA VAL B 308 7.26 17.22 22.48
C VAL B 308 8.34 18.16 23.03
N ILE B 309 8.20 19.45 22.74
CA ILE B 309 8.99 20.48 23.40
C ILE B 309 8.28 20.89 24.69
N GLN B 310 6.97 21.07 24.62
CA GLN B 310 6.16 21.40 25.79
C GLN B 310 5.95 20.18 26.70
N GLU B 311 6.06 18.99 26.12
CA GLU B 311 5.88 17.75 26.86
C GLU B 311 7.06 17.47 27.80
N ARG B 312 8.28 17.78 27.34
CA ARG B 312 9.48 17.55 28.12
C ARG B 312 9.78 18.67 29.14
N THR B 313 9.03 19.77 29.03
CA THR B 313 9.18 20.91 29.96
C THR B 313 8.00 20.99 30.93
#